data_2HK5
#
_entry.id   2HK5
#
_cell.length_a   96.977
_cell.length_b   96.977
_cell.length_c   69.998
_cell.angle_alpha   90.000
_cell.angle_beta   90.000
_cell.angle_gamma   120.000
#
_symmetry.space_group_name_H-M   'P 65'
#
loop_
_entity.id
_entity.type
_entity.pdbx_description
1 polymer 'Tyrosine-protein kinase HCK'
2 non-polymer 3-{[2-(1H-BENZIMIDAZOL-1-YL)-6-{[2-(DIETHYLAMINO)ETHYL]AMINO}PYRIMIDIN-4-YL]AMINO}-4-METHYLPHENOL
3 water water
#
_entity_poly.entity_id   1
_entity_poly.type   'polypeptide(L)'
_entity_poly.pdbx_seq_one_letter_code
;AQKPWEKDAWEIPRESLKLEKKLGAGQFGEVWMATYNKHTKVAVKTMKPGSMSVEAFLAEANVMKTLQHDKLVKLHAVVT
KEPIYIITEFMAKGSLLDFLKSDEGSKQPLPKLIDFSAQIAEGMAFIEQRNYIHRDLRAANILVSASLVCKIADFGLARV
IEDNEYTAREGAKFPIKWTAPEAINFGSFTIKSDVWSFGILLMEIVTYGRIPYPGMSNPEVIRALERGYRMPRPENCPEE
LYNIMMRCWKNRPEERPTFEYIQSVLDDFE
;
_entity_poly.pdbx_strand_id   A
#
loop_
_chem_comp.id
_chem_comp.type
_chem_comp.name
_chem_comp.formula
1BM non-polymer 3-{[2-(1H-BENZIMIDAZOL-1-YL)-6-{[2-(DIETHYLAMINO)ETHYL]AMINO}PYRIMIDIN-4-YL]AMINO}-4-METHYLPHENOL 'C24 H29 N7 O'
#
# COMPACT_ATOMS: atom_id res chain seq x y z
N ALA A 1 -18.72 9.52 23.13
CA ALA A 1 -18.69 10.16 21.79
C ALA A 1 -17.84 11.46 21.76
N GLN A 2 -16.76 11.47 20.97
CA GLN A 2 -15.86 12.65 20.84
C GLN A 2 -16.59 13.88 20.30
N LYS A 3 -16.38 15.04 20.91
CA LYS A 3 -17.02 16.25 20.44
C LYS A 3 -16.39 16.69 19.12
N PRO A 4 -17.19 17.16 18.16
CA PRO A 4 -16.67 17.58 16.85
C PRO A 4 -15.57 18.66 17.01
N TRP A 5 -15.68 19.42 18.10
CA TRP A 5 -14.76 20.52 18.41
C TRP A 5 -13.63 20.13 19.36
N GLU A 6 -13.52 18.88 19.77
CA GLU A 6 -12.41 18.54 20.65
C GLU A 6 -11.23 17.88 19.93
N LYS A 7 -10.01 18.18 20.39
CA LYS A 7 -8.80 17.65 19.78
C LYS A 7 -8.37 16.43 20.56
N ASP A 8 -7.46 15.66 19.99
CA ASP A 8 -6.94 14.46 20.60
C ASP A 8 -5.43 14.57 20.75
N ALA A 9 -4.80 13.47 21.17
CA ALA A 9 -3.36 13.47 21.52
C ALA A 9 -2.47 13.71 20.32
N TRP A 10 -3.03 13.49 19.12
CA TRP A 10 -2.22 13.53 17.89
C TRP A 10 -2.13 14.93 17.29
N GLU A 11 -2.95 15.86 17.78
CA GLU A 11 -3.01 17.19 17.23
C GLU A 11 -1.71 17.96 17.55
N ILE A 12 -1.24 18.71 16.56
CA ILE A 12 -0.18 19.72 16.76
C ILE A 12 -0.65 21.07 16.20
N PRO A 13 -0.06 22.15 16.67
CA PRO A 13 -0.36 23.46 16.12
C PRO A 13 0.32 23.60 14.76
N ARG A 14 -0.40 24.20 13.82
CA ARG A 14 0.08 24.39 12.47
C ARG A 14 1.43 25.09 12.37
N GLU A 15 1.68 26.02 13.27
CA GLU A 15 2.91 26.83 13.22
C GLU A 15 4.19 26.05 13.62
N SER A 16 4.03 24.84 14.12
CA SER A 16 5.16 23.97 14.44
C SER A 16 5.77 23.35 13.15
N LEU A 17 5.01 23.38 12.05
CA LEU A 17 5.43 22.86 10.76
C LEU A 17 5.85 23.99 9.82
N LYS A 18 6.93 23.77 9.08
CA LYS A 18 7.30 24.65 7.99
C LYS A 18 7.34 23.79 6.71
N LEU A 19 6.41 24.04 5.80
CA LEU A 19 6.30 23.29 4.55
C LEU A 19 7.40 23.76 3.61
N GLU A 20 8.37 22.89 3.31
CA GLU A 20 9.56 23.30 2.57
C GLU A 20 9.43 23.01 1.06
N LYS A 21 8.93 21.84 0.68
CA LYS A 21 8.98 21.40 -0.72
C LYS A 21 7.81 20.49 -1.11
N LYS A 22 7.10 20.83 -2.18
CA LYS A 22 6.00 20.00 -2.67
C LYS A 22 6.54 18.73 -3.33
N LEU A 23 6.11 17.58 -2.81
CA LEU A 23 6.58 16.29 -3.28
C LEU A 23 5.69 15.71 -4.36
N GLY A 24 4.42 16.07 -4.31
CA GLY A 24 3.43 15.57 -5.25
C GLY A 24 2.09 16.25 -5.09
N ALA A 25 1.20 15.97 -6.03
CA ALA A 25 -0.18 16.44 -5.94
C ALA A 25 -1.15 15.57 -6.73
N GLY A 26 -2.43 15.71 -6.37
CA GLY A 26 -3.54 15.05 -7.03
C GLY A 26 -4.82 15.83 -6.86
N GLN A 27 -5.94 15.20 -7.23
CA GLN A 27 -7.23 15.86 -7.15
C GLN A 27 -7.70 16.05 -5.69
N PHE A 28 -7.18 15.27 -4.74
CA PHE A 28 -7.60 15.36 -3.33
C PHE A 28 -6.64 16.16 -2.42
N GLY A 29 -5.47 16.49 -2.94
CA GLY A 29 -4.59 17.46 -2.28
C GLY A 29 -3.12 17.25 -2.65
N GLU A 30 -2.23 17.62 -1.72
CA GLU A 30 -0.80 17.62 -1.98
C GLU A 30 0.00 16.92 -0.92
N VAL A 31 1.21 16.53 -1.27
CA VAL A 31 2.13 15.98 -0.30
C VAL A 31 3.40 16.86 -0.27
N TRP A 32 3.76 17.32 0.92
CA TRP A 32 4.91 18.17 1.12
C TRP A 32 5.96 17.54 2.02
N MET A 33 7.22 17.86 1.78
CA MET A 33 8.31 17.63 2.72
C MET A 33 8.30 18.84 3.63
N ALA A 34 8.39 18.61 4.93
CA ALA A 34 8.30 19.68 5.90
C ALA A 34 9.23 19.43 7.09
N THR A 35 9.51 20.47 7.87
CA THR A 35 10.18 20.29 9.15
C THR A 35 9.26 20.66 10.30
N TYR A 36 9.32 19.85 11.36
CA TYR A 36 8.58 20.07 12.59
C TYR A 36 9.53 20.56 13.68
N ASN A 37 9.21 21.73 14.22
CA ASN A 37 10.02 22.35 15.25
C ASN A 37 11.51 22.26 14.92
N LYS A 38 11.85 22.61 13.68
CA LYS A 38 13.23 22.88 13.23
C LYS A 38 14.05 21.63 12.86
N HIS A 39 14.07 20.58 13.68
CA HIS A 39 15.12 19.55 13.49
C HIS A 39 14.62 18.24 12.90
N THR A 40 13.30 18.12 12.73
CA THR A 40 12.65 16.83 12.42
C THR A 40 11.93 16.91 11.08
N LYS A 41 12.48 16.21 10.07
CA LYS A 41 11.91 16.07 8.74
C LYS A 41 10.66 15.19 8.77
N VAL A 42 9.58 15.66 8.17
CA VAL A 42 8.35 14.89 8.12
C VAL A 42 7.68 15.04 6.76
N ALA A 43 6.67 14.22 6.52
CA ALA A 43 5.82 14.35 5.34
C ALA A 43 4.44 14.85 5.74
N VAL A 44 3.88 15.77 4.95
CA VAL A 44 2.53 16.29 5.18
C VAL A 44 1.64 16.06 3.94
N LYS A 45 0.52 15.35 4.15
CA LYS A 45 -0.59 15.30 3.21
C LYS A 45 -1.63 16.36 3.56
N THR A 46 -1.91 17.25 2.61
CA THR A 46 -2.92 18.31 2.77
C THR A 46 -4.15 17.91 2.00
N MET A 47 -5.31 18.30 2.48
CA MET A 47 -6.55 18.03 1.77
C MET A 47 -6.89 19.28 1.00
N LYS A 48 -7.24 19.11 -0.27
CA LYS A 48 -7.80 20.19 -1.06
C LYS A 48 -9.25 20.44 -0.60
N PRO A 49 -9.51 21.63 -0.05
CA PRO A 49 -10.86 21.94 0.45
C PRO A 49 -11.87 21.70 -0.67
N GLY A 50 -12.96 21.01 -0.35
CA GLY A 50 -14.00 20.76 -1.32
C GLY A 50 -13.80 19.57 -2.24
N SER A 51 -12.64 18.87 -2.17
CA SER A 51 -12.30 17.79 -3.12
C SER A 51 -12.86 16.45 -2.64
N MET A 52 -13.19 16.37 -1.35
CA MET A 52 -13.63 15.14 -0.75
C MET A 52 -14.14 15.35 0.68
N SER A 53 -14.68 14.29 1.28
CA SER A 53 -15.11 14.32 2.67
C SER A 53 -13.94 14.51 3.63
N VAL A 54 -14.05 15.51 4.51
CA VAL A 54 -13.10 15.73 5.61
C VAL A 54 -13.04 14.50 6.52
N GLU A 55 -14.20 13.96 6.90
CA GLU A 55 -14.23 12.79 7.79
C GLU A 55 -13.53 11.58 7.20
N ALA A 56 -13.67 11.38 5.90
CA ALA A 56 -12.97 10.27 5.23
C ALA A 56 -11.44 10.57 5.14
N PHE A 57 -11.08 11.81 4.85
CA PHE A 57 -9.68 12.18 4.77
C PHE A 57 -9.01 11.85 6.09
N LEU A 58 -9.64 12.30 7.17
CA LEU A 58 -9.15 12.05 8.53
C LEU A 58 -9.27 10.62 9.04
N ALA A 59 -10.24 9.86 8.51
CA ALA A 59 -10.42 8.48 8.96
C ALA A 59 -9.18 7.64 8.70
N GLU A 60 -8.44 8.00 7.65
CA GLU A 60 -7.21 7.31 7.29
C GLU A 60 -6.19 7.35 8.45
N ALA A 61 -6.02 8.53 9.02
CA ALA A 61 -5.14 8.67 10.18
C ALA A 61 -5.61 7.81 11.37
N ASN A 62 -6.92 7.67 11.57
CA ASN A 62 -7.40 6.82 12.67
C ASN A 62 -6.97 5.38 12.50
N VAL A 63 -7.07 4.88 11.29
CA VAL A 63 -6.61 3.55 10.96
C VAL A 63 -5.12 3.40 11.25
N MET A 64 -4.34 4.41 10.89
CA MET A 64 -2.89 4.36 11.07
C MET A 64 -2.52 4.40 12.53
N LYS A 65 -3.38 5.01 13.35
CA LYS A 65 -3.18 4.95 14.82
C LYS A 65 -3.16 3.52 15.30
N THR A 66 -4.08 2.74 14.79
CA THR A 66 -4.16 1.34 15.14
C THR A 66 -3.05 0.51 14.51
N LEU A 67 -2.77 0.74 13.22
CA LEU A 67 -1.78 -0.05 12.48
C LEU A 67 -0.42 0.61 12.55
N GLN A 68 0.19 0.56 13.71
CA GLN A 68 1.53 1.08 13.90
C GLN A 68 2.50 -0.09 13.92
N HIS A 69 3.45 -0.06 12.99
CA HIS A 69 4.45 -1.13 12.82
C HIS A 69 5.66 -0.59 12.01
N ASP A 70 6.87 -1.14 12.23
CA ASP A 70 8.10 -0.77 11.48
C ASP A 70 7.94 -0.72 9.97
N LYS A 71 7.08 -1.60 9.45
CA LYS A 71 6.93 -1.78 8.01
C LYS A 71 5.65 -1.14 7.50
N LEU A 72 4.97 -0.40 8.37
CA LEU A 72 3.86 0.47 7.96
C LEU A 72 4.31 1.92 8.15
N VAL A 73 3.96 2.81 7.22
CA VAL A 73 4.34 4.22 7.29
C VAL A 73 3.75 4.81 8.59
N LYS A 74 4.55 5.59 9.34
CA LYS A 74 4.22 5.95 10.72
C LYS A 74 3.54 7.32 10.87
N LEU A 75 2.32 7.31 11.38
CA LEU A 75 1.59 8.51 11.79
C LEU A 75 2.27 9.20 12.98
N HIS A 76 2.51 10.50 12.82
CA HIS A 76 3.05 11.34 13.88
C HIS A 76 2.07 12.34 14.46
N ALA A 77 1.28 12.97 13.58
CA ALA A 77 0.36 14.02 14.01
C ALA A 77 -0.73 14.32 13.00
N VAL A 78 -1.63 15.21 13.38
CA VAL A 78 -2.66 15.76 12.52
C VAL A 78 -2.90 17.25 12.83
N VAL A 79 -3.40 17.99 11.85
CA VAL A 79 -3.92 19.32 12.06
C VAL A 79 -5.38 19.26 11.55
N THR A 80 -6.35 19.53 12.42
CA THR A 80 -7.75 19.23 12.07
C THR A 80 -8.63 20.47 11.86
N LYS A 81 -8.02 21.64 11.80
CA LYS A 81 -8.69 22.83 11.25
C LYS A 81 -8.20 23.04 9.81
N GLU A 82 -9.10 23.45 8.91
CA GLU A 82 -8.76 23.73 7.51
C GLU A 82 -7.64 24.78 7.43
N PRO A 83 -6.67 24.64 6.55
CA PRO A 83 -6.36 23.40 5.80
C PRO A 83 -5.99 22.19 6.70
N ILE A 84 -6.56 21.03 6.36
CA ILE A 84 -6.48 19.79 7.14
C ILE A 84 -5.17 19.06 6.75
N TYR A 85 -4.33 18.72 7.73
CA TYR A 85 -3.08 17.95 7.47
C TYR A 85 -3.00 16.60 8.19
N ILE A 86 -2.34 15.64 7.53
CA ILE A 86 -1.86 14.44 8.20
C ILE A 86 -0.35 14.40 8.09
N ILE A 87 0.33 14.16 9.19
CA ILE A 87 1.80 14.22 9.23
C ILE A 87 2.36 12.83 9.50
N THR A 88 3.29 12.37 8.66
CA THR A 88 3.93 11.06 8.88
C THR A 88 5.44 11.16 8.86
N GLU A 89 6.13 10.06 9.11
CA GLU A 89 7.57 10.00 8.89
C GLU A 89 7.88 10.38 7.43
N PHE A 90 9.05 10.93 7.19
CA PHE A 90 9.54 11.22 5.85
C PHE A 90 10.20 9.97 5.25
N MET A 91 9.99 9.70 3.96
CA MET A 91 10.54 8.49 3.33
C MET A 91 11.31 8.88 2.09
N ALA A 92 12.62 9.04 2.24
CA ALA A 92 13.37 9.90 1.32
C ALA A 92 13.25 9.49 -0.14
N LYS A 93 13.18 8.20 -0.43
CA LYS A 93 13.19 7.78 -1.85
C LYS A 93 11.81 7.72 -2.50
N GLY A 94 10.76 8.14 -1.79
CA GLY A 94 9.46 8.25 -2.39
C GLY A 94 8.74 6.93 -2.54
N SER A 95 7.85 6.87 -3.53
CA SER A 95 7.09 5.65 -3.79
C SER A 95 7.97 4.59 -4.43
N LEU A 96 7.64 3.35 -4.14
CA LEU A 96 8.41 2.23 -4.65
C LEU A 96 8.32 2.21 -6.15
N LEU A 97 7.15 2.55 -6.68
CA LEU A 97 6.96 2.49 -8.12
C LEU A 97 7.90 3.49 -8.81
N ASP A 98 7.90 4.73 -8.34
CA ASP A 98 8.77 5.74 -8.93
C ASP A 98 10.25 5.44 -8.66
N PHE A 99 10.53 4.79 -7.53
CA PHE A 99 11.90 4.57 -7.11
C PHE A 99 12.48 3.61 -8.12
N LEU A 100 11.80 2.47 -8.31
CA LEU A 100 12.26 1.45 -9.25
C LEU A 100 12.41 1.93 -10.70
N LYS A 101 11.62 2.92 -11.10
CA LYS A 101 11.66 3.46 -12.45
C LYS A 101 12.74 4.56 -12.59
N SER A 102 13.32 4.95 -11.46
CA SER A 102 14.41 5.89 -11.41
C SER A 102 15.71 5.17 -11.54
N ASP A 103 16.75 5.98 -11.66
CA ASP A 103 18.08 5.56 -12.02
C ASP A 103 18.65 4.68 -10.91
N GLU A 104 18.40 5.11 -9.68
CA GLU A 104 18.87 4.40 -8.50
C GLU A 104 18.12 3.08 -8.26
N GLY A 105 16.80 3.13 -8.40
CA GLY A 105 15.97 1.94 -8.28
C GLY A 105 16.33 0.92 -9.33
N SER A 106 16.69 1.39 -10.51
CA SER A 106 17.02 0.51 -11.62
C SER A 106 18.32 -0.25 -11.39
N LYS A 107 19.15 0.24 -10.47
CA LYS A 107 20.44 -0.38 -10.15
C LYS A 107 20.36 -1.31 -8.96
N GLN A 108 19.13 -1.66 -8.54
CA GLN A 108 18.96 -2.51 -7.40
C GLN A 108 18.98 -3.99 -7.82
N PRO A 109 19.93 -4.76 -7.31
CA PRO A 109 20.08 -6.13 -7.76
C PRO A 109 19.00 -7.02 -7.18
N LEU A 110 18.87 -8.23 -7.72
CA LEU A 110 17.85 -9.16 -7.28
C LEU A 110 17.73 -9.36 -5.76
N PRO A 111 18.83 -9.55 -5.03
CA PRO A 111 18.77 -9.72 -3.56
C PRO A 111 18.09 -8.56 -2.83
N LYS A 112 18.30 -7.34 -3.30
CA LYS A 112 17.60 -6.18 -2.76
C LYS A 112 16.11 -6.22 -3.11
N LEU A 113 15.77 -6.66 -4.30
CA LEU A 113 14.35 -6.75 -4.70
C LEU A 113 13.57 -7.66 -3.75
N ILE A 114 14.17 -8.79 -3.40
CA ILE A 114 13.55 -9.76 -2.53
C ILE A 114 13.56 -9.25 -1.08
N ASP A 115 14.52 -8.39 -0.75
CA ASP A 115 14.55 -7.67 0.50
C ASP A 115 13.32 -6.80 0.62
N PHE A 116 13.08 -5.99 -0.42
CA PHE A 116 11.88 -5.12 -0.47
C PHE A 116 10.60 -5.93 -0.30
N SER A 117 10.56 -7.06 -0.97
CA SER A 117 9.41 -7.95 -1.00
C SER A 117 9.15 -8.50 0.39
N ALA A 118 10.24 -8.84 1.08
CA ALA A 118 10.17 -9.42 2.40
C ALA A 118 9.69 -8.40 3.44
N GLN A 119 10.12 -7.16 3.28
CA GLN A 119 9.75 -6.09 4.20
C GLN A 119 8.23 -5.87 4.05
N ILE A 120 7.77 -5.75 2.82
CA ILE A 120 6.33 -5.59 2.57
C ILE A 120 5.53 -6.77 3.12
N ALA A 121 6.00 -8.00 2.87
CA ALA A 121 5.35 -9.19 3.42
C ALA A 121 5.21 -9.14 4.95
N GLU A 122 6.23 -8.61 5.62
CA GLU A 122 6.22 -8.51 7.06
C GLU A 122 5.14 -7.56 7.54
N GLY A 123 5.03 -6.43 6.87
CA GLY A 123 3.98 -5.47 7.16
C GLY A 123 2.58 -6.07 6.97
N MET A 124 2.41 -6.88 5.94
CA MET A 124 1.12 -7.50 5.66
C MET A 124 0.78 -8.62 6.60
N ALA A 125 1.81 -9.28 7.12
CA ALA A 125 1.68 -10.29 8.13
C ALA A 125 1.12 -9.62 9.36
N PHE A 126 1.59 -8.40 9.65
CA PHE A 126 1.07 -7.66 10.78
C PHE A 126 -0.36 -7.25 10.54
N ILE A 127 -0.67 -6.73 9.35
CA ILE A 127 -2.07 -6.40 9.02
C ILE A 127 -2.96 -7.64 9.13
N GLU A 128 -2.46 -8.78 8.65
CA GLU A 128 -3.13 -10.08 8.75
C GLU A 128 -3.51 -10.34 10.21
N GLN A 129 -2.47 -10.39 11.05
CA GLN A 129 -2.55 -10.66 12.47
C GLN A 129 -3.45 -9.69 13.25
N ARG A 130 -3.54 -8.44 12.80
CA ARG A 130 -4.37 -7.44 13.49
C ARG A 130 -5.82 -7.48 13.00
N ASN A 131 -6.17 -8.44 12.14
CA ASN A 131 -7.55 -8.59 11.67
C ASN A 131 -8.03 -7.43 10.82
N TYR A 132 -7.13 -6.92 10.01
CA TYR A 132 -7.43 -5.89 9.04
C TYR A 132 -7.12 -6.43 7.66
N ILE A 133 -7.64 -5.73 6.66
CA ILE A 133 -7.25 -5.87 5.25
C ILE A 133 -6.90 -4.48 4.72
N HIS A 134 -6.12 -4.41 3.62
CA HIS A 134 -5.65 -3.14 3.04
C HIS A 134 -6.46 -2.77 1.81
N ARG A 135 -6.58 -3.72 0.88
CA ARG A 135 -7.41 -3.60 -0.29
C ARG A 135 -6.83 -2.71 -1.38
N ASP A 136 -5.68 -2.09 -1.16
CA ASP A 136 -5.11 -1.21 -2.16
C ASP A 136 -3.58 -1.39 -2.22
N LEU A 137 -3.17 -2.66 -2.12
CA LEU A 137 -1.76 -3.05 -2.15
C LEU A 137 -1.22 -3.06 -3.57
N ARG A 138 -0.12 -2.34 -3.80
CA ARG A 138 0.51 -2.13 -5.13
C ARG A 138 1.73 -1.22 -4.94
N ALA A 139 2.63 -1.17 -5.92
CA ALA A 139 3.95 -0.47 -5.76
C ALA A 139 3.83 1.02 -5.53
N ALA A 140 2.80 1.58 -6.18
CA ALA A 140 2.43 2.97 -6.05
C ALA A 140 2.16 3.39 -4.61
N ASN A 141 1.68 2.47 -3.77
CA ASN A 141 1.27 2.72 -2.38
C ASN A 141 2.28 2.22 -1.28
N ILE A 142 3.53 2.01 -1.70
CA ILE A 142 4.61 1.60 -0.84
C ILE A 142 5.58 2.75 -0.87
N LEU A 143 6.19 3.09 0.26
CA LEU A 143 7.20 4.15 0.30
C LEU A 143 8.54 3.54 0.71
N VAL A 144 9.63 4.20 0.34
CA VAL A 144 11.00 3.70 0.50
C VAL A 144 11.86 4.73 1.21
N SER A 145 12.56 4.32 2.25
CA SER A 145 13.28 5.27 3.09
C SER A 145 14.65 5.50 2.50
N ALA A 146 15.41 6.40 3.11
CA ALA A 146 16.79 6.69 2.69
C ALA A 146 17.73 5.48 2.86
N SER A 147 17.42 4.60 3.79
CA SER A 147 18.20 3.40 3.97
C SER A 147 17.52 2.17 3.33
N LEU A 148 16.60 2.42 2.39
CA LEU A 148 15.99 1.37 1.57
C LEU A 148 15.06 0.43 2.32
N VAL A 149 14.33 0.97 3.30
CA VAL A 149 13.28 0.24 3.96
C VAL A 149 11.95 0.63 3.32
N CYS A 150 11.24 -0.39 2.86
CA CYS A 150 9.91 -0.28 2.27
C CYS A 150 8.82 -0.31 3.35
N LYS A 151 7.84 0.56 3.23
CA LYS A 151 6.71 0.60 4.17
C LYS A 151 5.41 0.82 3.43
N ILE A 152 4.34 0.21 3.94
CA ILE A 152 3.04 0.27 3.35
C ILE A 152 2.38 1.57 3.72
N ALA A 153 1.79 2.19 2.72
CA ALA A 153 1.06 3.42 2.86
C ALA A 153 -0.36 3.23 2.27
N ASP A 154 -1.05 4.36 2.14
CA ASP A 154 -2.42 4.49 1.70
C ASP A 154 -3.36 3.51 2.40
N PHE A 155 -3.88 3.92 3.56
CA PHE A 155 -4.85 3.11 4.28
C PHE A 155 -6.29 3.58 4.11
N GLY A 156 -6.56 4.26 3.00
CA GLY A 156 -7.87 4.82 2.72
C GLY A 156 -8.93 3.73 2.58
N LEU A 157 -8.55 2.58 2.03
CA LEU A 157 -9.51 1.47 1.88
C LEU A 157 -9.40 0.39 2.91
N ALA A 158 -8.48 0.51 3.87
CA ALA A 158 -8.21 -0.53 4.82
C ALA A 158 -9.35 -0.64 5.86
N ARG A 159 -9.74 -1.87 6.19
CA ARG A 159 -10.92 -2.13 7.04
C ARG A 159 -10.67 -3.28 8.04
N VAL A 160 -11.33 -3.22 9.21
CA VAL A 160 -11.35 -4.37 10.12
C VAL A 160 -12.15 -5.51 9.47
N ILE A 161 -11.67 -6.74 9.63
CA ILE A 161 -12.38 -7.94 9.18
C ILE A 161 -13.16 -8.57 10.34
N GLU A 162 -14.48 -8.66 10.17
CA GLU A 162 -15.31 -9.49 11.08
C GLU A 162 -15.64 -10.81 10.36
N ASP A 163 -15.34 -11.93 11.02
CA ASP A 163 -15.69 -13.27 10.49
C ASP A 163 -15.06 -13.57 9.11
N ASN A 164 -13.80 -13.19 8.93
CA ASN A 164 -13.00 -13.53 7.74
C ASN A 164 -13.56 -13.13 6.34
N GLU A 165 -14.58 -12.27 6.29
CA GLU A 165 -14.95 -11.61 5.02
C GLU A 165 -15.54 -10.19 5.16
N TYR A 166 -14.96 -9.28 4.37
CA TYR A 166 -15.55 -8.00 4.03
C TYR A 166 -16.27 -8.16 2.69
N THR A 167 -17.51 -7.68 2.62
CA THR A 167 -18.31 -7.63 1.39
C THR A 167 -18.46 -6.17 0.90
N ALA A 168 -17.78 -5.83 -0.19
CA ALA A 168 -17.97 -4.53 -0.82
C ALA A 168 -19.38 -4.48 -1.43
N ARG A 169 -19.97 -3.30 -1.41
CA ARG A 169 -21.23 -3.04 -2.10
C ARG A 169 -21.06 -3.23 -3.62
N GLU A 170 -22.17 -3.50 -4.33
CA GLU A 170 -22.12 -3.89 -5.74
C GLU A 170 -21.56 -2.82 -6.71
N GLY A 171 -21.74 -1.55 -6.39
CA GLY A 171 -21.28 -0.47 -7.26
C GLY A 171 -19.81 -0.07 -7.11
N ALA A 172 -19.15 -0.65 -6.10
CA ALA A 172 -17.72 -0.46 -5.91
C ALA A 172 -16.96 -0.98 -7.13
N LYS A 173 -16.02 -0.16 -7.62
CA LYS A 173 -15.08 -0.53 -8.67
C LYS A 173 -13.64 -0.36 -8.13
N PHE A 174 -12.77 -1.30 -8.54
CA PHE A 174 -11.40 -1.45 -8.01
C PHE A 174 -10.42 -1.73 -9.14
N PRO A 175 -9.16 -1.27 -9.01
CA PRO A 175 -8.16 -1.41 -10.09
C PRO A 175 -7.97 -2.89 -10.47
N ILE A 176 -8.50 -3.25 -11.62
CA ILE A 176 -8.68 -4.63 -12.03
C ILE A 176 -7.40 -5.49 -12.05
N LYS A 177 -6.30 -4.93 -12.57
CA LYS A 177 -5.08 -5.70 -12.76
C LYS A 177 -4.45 -6.08 -11.43
N TRP A 178 -4.83 -5.38 -10.36
CA TRP A 178 -4.31 -5.66 -9.02
C TRP A 178 -5.26 -6.38 -8.10
N THR A 179 -6.50 -6.55 -8.53
CA THR A 179 -7.51 -7.05 -7.60
C THR A 179 -7.85 -8.48 -7.87
N ALA A 180 -8.01 -9.24 -6.78
CA ALA A 180 -8.35 -10.64 -6.85
C ALA A 180 -9.68 -10.76 -7.61
N PRO A 181 -9.76 -11.76 -8.48
CA PRO A 181 -10.96 -12.04 -9.25
C PRO A 181 -12.28 -12.11 -8.46
N GLU A 182 -12.29 -12.79 -7.31
CA GLU A 182 -13.49 -12.91 -6.48
C GLU A 182 -13.91 -11.58 -5.89
N ALA A 183 -12.91 -10.75 -5.63
CA ALA A 183 -13.18 -9.41 -5.11
C ALA A 183 -13.76 -8.55 -6.21
N ILE A 184 -13.24 -8.67 -7.42
CA ILE A 184 -13.80 -7.97 -8.55
C ILE A 184 -15.25 -8.42 -8.82
N ASN A 185 -15.44 -9.72 -8.94
CA ASN A 185 -16.72 -10.29 -9.39
C ASN A 185 -17.88 -10.24 -8.37
N PHE A 186 -17.57 -10.44 -7.09
CA PHE A 186 -18.59 -10.50 -6.03
C PHE A 186 -18.34 -9.59 -4.81
N GLY A 187 -17.30 -8.76 -4.86
CA GLY A 187 -16.95 -7.93 -3.71
C GLY A 187 -16.43 -8.68 -2.49
N SER A 188 -15.91 -9.90 -2.68
CA SER A 188 -15.38 -10.71 -1.57
C SER A 188 -13.93 -10.36 -1.25
N PHE A 189 -13.75 -9.37 -0.38
CA PHE A 189 -12.42 -9.05 0.13
C PHE A 189 -12.13 -9.86 1.35
N THR A 190 -10.95 -10.47 1.35
CA THR A 190 -10.35 -11.08 2.53
C THR A 190 -8.85 -10.81 2.55
N ILE A 191 -8.18 -11.30 3.60
CA ILE A 191 -6.73 -11.22 3.64
C ILE A 191 -6.16 -11.99 2.43
N LYS A 192 -6.91 -12.97 1.91
CA LYS A 192 -6.46 -13.75 0.78
C LYS A 192 -6.55 -12.96 -0.52
N SER A 193 -7.45 -11.99 -0.61
CA SER A 193 -7.46 -11.11 -1.75
C SER A 193 -6.26 -10.12 -1.67
N ASP A 194 -5.85 -9.72 -0.47
CA ASP A 194 -4.58 -8.97 -0.34
C ASP A 194 -3.39 -9.86 -0.75
N VAL A 195 -3.48 -11.15 -0.48
CA VAL A 195 -2.42 -12.05 -0.87
C VAL A 195 -2.21 -12.03 -2.41
N TRP A 196 -3.31 -12.00 -3.15
CA TRP A 196 -3.30 -11.88 -4.59
C TRP A 196 -2.63 -10.60 -5.08
N SER A 197 -3.00 -9.45 -4.49
CA SER A 197 -2.39 -8.17 -4.80
C SER A 197 -0.89 -8.19 -4.54
N PHE A 198 -0.50 -8.88 -3.49
CA PHE A 198 0.90 -9.00 -3.15
C PHE A 198 1.64 -9.77 -4.23
N GLY A 199 0.98 -10.77 -4.83
CA GLY A 199 1.57 -11.47 -5.97
C GLY A 199 1.84 -10.56 -7.14
N ILE A 200 0.91 -9.63 -7.38
CA ILE A 200 1.01 -8.70 -8.47
C ILE A 200 2.12 -7.68 -8.15
N LEU A 201 2.13 -7.21 -6.92
CA LEU A 201 3.20 -6.36 -6.42
C LEU A 201 4.60 -7.00 -6.54
N LEU A 202 4.71 -8.29 -6.26
CA LEU A 202 5.99 -8.98 -6.45
C LEU A 202 6.43 -8.87 -7.87
N MET A 203 5.47 -8.99 -8.79
CA MET A 203 5.80 -8.99 -10.20
C MET A 203 6.24 -7.59 -10.60
N GLU A 204 5.60 -6.58 -10.03
CA GLU A 204 5.98 -5.20 -10.25
C GLU A 204 7.41 -4.99 -9.79
N ILE A 205 7.77 -5.53 -8.66
CA ILE A 205 9.11 -5.28 -8.11
C ILE A 205 10.18 -5.88 -9.04
N VAL A 206 9.96 -7.14 -9.42
CA VAL A 206 10.96 -7.90 -10.17
C VAL A 206 11.09 -7.39 -11.60
N THR A 207 10.05 -6.69 -12.09
CA THR A 207 10.04 -6.01 -13.38
C THR A 207 10.28 -4.53 -13.29
N TYR A 208 10.76 -4.05 -12.16
CA TYR A 208 11.16 -2.66 -11.99
C TYR A 208 10.03 -1.70 -12.37
N GLY A 209 8.84 -2.02 -11.92
CA GLY A 209 7.70 -1.11 -12.03
C GLY A 209 6.92 -1.22 -13.30
N ARG A 210 7.21 -2.24 -14.10
CA ARG A 210 6.47 -2.43 -15.35
C ARG A 210 5.03 -2.65 -14.94
N ILE A 211 4.09 -2.17 -15.73
CA ILE A 211 2.65 -2.45 -15.48
C ILE A 211 2.39 -3.95 -15.52
N PRO A 212 1.45 -4.44 -14.73
CA PRO A 212 0.96 -5.81 -14.91
C PRO A 212 0.17 -5.97 -16.23
N TYR A 213 0.12 -7.21 -16.71
CA TYR A 213 -0.59 -7.58 -17.93
C TYR A 213 -0.38 -6.52 -19.04
N PRO A 214 0.89 -6.23 -19.37
CA PRO A 214 1.22 -5.19 -20.32
C PRO A 214 0.59 -5.46 -21.66
N GLY A 215 -0.19 -4.50 -22.13
CA GLY A 215 -0.83 -4.60 -23.42
C GLY A 215 -2.21 -5.22 -23.40
N MET A 216 -2.64 -5.78 -22.28
CA MET A 216 -3.97 -6.37 -22.18
C MET A 216 -5.01 -5.36 -21.66
N SER A 217 -6.26 -5.51 -22.12
CA SER A 217 -7.37 -4.71 -21.64
C SER A 217 -7.85 -5.37 -20.37
N ASN A 218 -8.68 -4.64 -19.64
CA ASN A 218 -9.18 -5.08 -18.35
C ASN A 218 -10.15 -6.26 -18.49
N PRO A 219 -11.10 -6.19 -19.42
CA PRO A 219 -12.00 -7.33 -19.63
C PRO A 219 -11.26 -8.56 -20.14
N GLU A 220 -10.26 -8.36 -21.00
CA GLU A 220 -9.36 -9.42 -21.42
C GLU A 220 -8.61 -10.05 -20.26
N VAL A 221 -8.14 -9.25 -19.32
CA VAL A 221 -7.46 -9.78 -18.16
C VAL A 221 -8.42 -10.69 -17.36
N ILE A 222 -9.65 -10.23 -17.14
CA ILE A 222 -10.64 -10.94 -16.34
C ILE A 222 -10.97 -12.30 -16.97
N ARG A 223 -11.13 -12.31 -18.29
CA ARG A 223 -11.41 -13.55 -19.01
C ARG A 223 -10.17 -14.48 -19.04
N ALA A 224 -8.98 -13.93 -19.20
CA ALA A 224 -7.74 -14.75 -19.17
C ALA A 224 -7.57 -15.50 -17.86
N LEU A 225 -7.73 -14.77 -16.77
CA LEU A 225 -7.64 -15.33 -15.44
C LEU A 225 -8.66 -16.46 -15.21
N GLU A 226 -9.91 -16.25 -15.61
CA GLU A 226 -10.97 -17.28 -15.55
C GLU A 226 -10.53 -18.55 -16.27
N ARG A 227 -9.86 -18.37 -17.42
CA ARG A 227 -9.41 -19.47 -18.28
C ARG A 227 -8.14 -20.17 -17.72
N GLY A 228 -7.55 -19.57 -16.70
CA GLY A 228 -6.37 -20.11 -16.08
C GLY A 228 -5.08 -19.42 -16.46
N TYR A 229 -5.10 -18.51 -17.43
CA TYR A 229 -3.87 -17.74 -17.72
C TYR A 229 -3.34 -17.06 -16.45
N ARG A 230 -2.00 -16.99 -16.34
CA ARG A 230 -1.35 -16.09 -15.37
C ARG A 230 -0.12 -15.49 -16.03
N MET A 231 0.34 -14.34 -15.57
CA MET A 231 1.50 -13.70 -16.15
C MET A 231 2.72 -14.62 -16.14
N PRO A 232 3.45 -14.64 -17.26
CA PRO A 232 4.65 -15.48 -17.36
C PRO A 232 5.83 -14.91 -16.55
N ARG A 233 6.78 -15.78 -16.25
CA ARG A 233 7.98 -15.44 -15.48
C ARG A 233 8.92 -14.60 -16.34
N PRO A 234 9.27 -13.40 -15.90
CA PRO A 234 10.33 -12.63 -16.59
C PRO A 234 11.71 -13.33 -16.62
N GLU A 235 12.58 -12.90 -17.56
CA GLU A 235 13.98 -13.36 -17.67
C GLU A 235 14.71 -13.38 -16.32
N ASN A 236 14.66 -12.25 -15.62
CA ASN A 236 15.40 -12.05 -14.38
C ASN A 236 14.72 -12.65 -13.15
N CYS A 237 13.56 -13.26 -13.31
CA CYS A 237 12.84 -13.78 -12.16
C CYS A 237 13.25 -15.21 -11.80
N PRO A 238 13.78 -15.45 -10.60
CA PRO A 238 14.16 -16.81 -10.21
C PRO A 238 12.91 -17.66 -10.02
N GLU A 239 13.03 -18.94 -10.34
CA GLU A 239 11.91 -19.86 -10.35
C GLU A 239 11.19 -19.84 -9.00
N GLU A 240 11.95 -19.81 -7.92
CA GLU A 240 11.37 -19.95 -6.58
C GLU A 240 10.51 -18.73 -6.26
N LEU A 241 10.88 -17.59 -6.82
CA LEU A 241 10.16 -16.36 -6.59
C LEU A 241 8.85 -16.38 -7.38
N TYR A 242 8.90 -16.87 -8.61
CA TYR A 242 7.72 -17.01 -9.46
C TYR A 242 6.74 -18.03 -8.88
N ASN A 243 7.25 -19.06 -8.21
CA ASN A 243 6.37 -20.05 -7.65
C ASN A 243 5.59 -19.47 -6.48
N ILE A 244 6.17 -18.49 -5.78
CA ILE A 244 5.42 -17.86 -4.72
C ILE A 244 4.31 -16.97 -5.30
N MET A 245 4.58 -16.30 -6.43
CA MET A 245 3.60 -15.50 -7.15
C MET A 245 2.43 -16.35 -7.50
N MET A 246 2.75 -17.50 -8.10
CA MET A 246 1.76 -18.42 -8.60
C MET A 246 0.89 -18.95 -7.45
N ARG A 247 1.49 -19.18 -6.30
CA ARG A 247 0.69 -19.60 -5.15
C ARG A 247 -0.26 -18.49 -4.73
N CYS A 248 0.16 -17.24 -4.90
CA CYS A 248 -0.62 -16.07 -4.52
C CYS A 248 -1.78 -15.88 -5.48
N TRP A 249 -1.64 -16.42 -6.69
CA TRP A 249 -2.68 -16.32 -7.70
C TRP A 249 -3.52 -17.62 -7.86
N LYS A 250 -3.61 -18.44 -6.83
CA LYS A 250 -4.51 -19.60 -6.94
C LYS A 250 -5.94 -19.09 -7.09
N ASN A 251 -6.74 -19.79 -7.90
CA ASN A 251 -8.12 -19.42 -8.14
C ASN A 251 -8.87 -19.32 -6.82
N ARG A 252 -8.66 -20.31 -5.97
CA ARG A 252 -9.42 -20.41 -4.74
C ARG A 252 -8.69 -19.69 -3.61
N PRO A 253 -9.33 -18.66 -3.03
CA PRO A 253 -8.72 -17.83 -1.99
C PRO A 253 -8.09 -18.65 -0.85
N GLU A 254 -8.82 -19.65 -0.34
CA GLU A 254 -8.39 -20.43 0.81
C GLU A 254 -7.11 -21.27 0.54
N GLU A 255 -6.78 -21.54 -0.71
CA GLU A 255 -5.53 -22.26 -1.05
C GLU A 255 -4.29 -21.36 -1.24
N ARG A 256 -4.49 -20.05 -1.19
CA ARG A 256 -3.37 -19.13 -1.28
C ARG A 256 -2.66 -19.16 0.07
N PRO A 257 -1.36 -18.85 0.12
CA PRO A 257 -0.60 -18.94 1.38
C PRO A 257 -0.88 -17.76 2.36
N THR A 258 -0.50 -17.92 3.63
CA THR A 258 -0.58 -16.82 4.59
C THR A 258 0.60 -15.89 4.38
N PHE A 259 0.46 -14.66 4.83
CA PHE A 259 1.55 -13.70 4.77
C PHE A 259 2.72 -14.11 5.66
N GLU A 260 2.43 -14.76 6.79
CA GLU A 260 3.46 -15.33 7.68
C GLU A 260 4.37 -16.30 6.89
N TYR A 261 3.75 -17.11 6.06
CA TYR A 261 4.44 -18.11 5.26
C TYR A 261 5.26 -17.43 4.16
N ILE A 262 4.66 -16.44 3.52
CA ILE A 262 5.32 -15.71 2.46
C ILE A 262 6.53 -14.99 3.02
N GLN A 263 6.37 -14.34 4.16
CA GLN A 263 7.49 -13.65 4.79
C GLN A 263 8.65 -14.62 5.00
N SER A 264 8.33 -15.81 5.48
CA SER A 264 9.38 -16.73 5.88
C SER A 264 10.12 -17.29 4.66
N VAL A 265 9.40 -17.57 3.59
CA VAL A 265 10.03 -18.05 2.36
C VAL A 265 10.99 -16.99 1.81
N LEU A 266 10.51 -15.75 1.72
CA LEU A 266 11.29 -14.65 1.18
C LEU A 266 12.44 -14.34 2.13
N ASP A 267 12.20 -14.53 3.42
CA ASP A 267 13.21 -14.25 4.44
C ASP A 267 14.42 -15.15 4.24
N ASP A 268 14.16 -16.39 3.87
CA ASP A 268 15.17 -17.43 3.76
C ASP A 268 15.56 -17.69 2.32
N PHE A 269 15.38 -16.71 1.45
CA PHE A 269 15.57 -16.96 0.04
C PHE A 269 17.03 -17.29 -0.27
O21 1BM B . -1.00 6.95 3.92
C17 1BM B . -0.54 8.16 4.21
C13 1BM B . -1.33 9.17 4.76
C16 1BM B . -0.78 10.42 5.02
C15 1BM B . 0.55 10.67 4.70
C19 1BM B . 1.18 12.01 4.98
C14 1BM B . 0.80 8.43 3.93
C11 1BM B . 1.35 9.67 4.16
N3 1BM B . 2.66 9.90 3.87
C2 1BM B . 3.10 10.04 2.60
N1 1BM B . 4.42 10.29 2.43
C9 1BM B . 2.28 9.95 1.47
C8 1BM B . 2.83 10.09 0.19
N10 1BM B . 2.09 10.00 -0.95
C27 1BM B . 0.65 9.79 -1.00
C30 1BM B . 0.15 8.35 -0.79
N34 1BM B . 0.44 7.56 -1.99
C36 1BM B . -0.68 7.21 -2.86
C42 1BM B . -0.27 6.77 -4.26
C35 1BM B . 1.81 7.14 -2.24
C38 1BM B . 2.32 6.24 -1.13
N6 1BM B . 4.14 10.35 0.07
C5 1BM B . 4.91 10.45 1.18
N7 1BM B . 6.29 10.69 1.12
C49 1BM B . 7.12 11.06 0.08
C54 1BM B . 6.85 11.27 -1.28
C53 1BM B . 8.41 11.20 0.57
N51 1BM B . 8.47 10.97 1.90
C50 1BM B . 7.12 10.64 2.31
C55 1BM B . 9.48 11.54 -0.24
C56 1BM B . 9.21 11.74 -1.59
C58 1BM B . 7.92 11.61 -2.11
#